data_7LS3
#
_entry.id   7LS3
#
_cell.length_a   58.349
_cell.length_b   63.603
_cell.length_c   123.107
_cell.angle_alpha   90.000
_cell.angle_beta   90.000
_cell.angle_gamma   90.000
#
_symmetry.space_group_name_H-M   'P 21 21 21'
#
loop_
_entity.id
_entity.type
_entity.pdbx_description
1 polymer 'Cholesterol 24-hydroxylase'
2 non-polymer 'PROTOPORPHYRIN IX CONTAINING FE'
3 non-polymer (5-methyl-2-pyridin-4-yl-phenyl)-[4-oxidanyl-4-(phenylmethyl)piperidin-1-yl]methanone
4 water water
#
_entity_poly.entity_id   1
_entity_poly.type   'polypeptide(L)'
_entity_poly.pdbx_seq_one_letter_code
;MHHHHHHSRYEHIPGPPRPSFLLGHLPCFWKKDEVGGRVLQDVFLDWAKKYGPVVRVNVFHKTSVIVTSPESVKKFLMST
KYNKDSKMYRALQTVFGERLFGQGLVSECNYERWHKQRRVIDLAFSRSSLVSLMETFNEKAEQLVEILEAKADGQTPVSM
QDMLTYTAMDILAKAAFGMETSMLLGAQKPLSQAVKLMLEGITASRNTLAKFLPGKRKQLREVRESIRFLRQVGRDWVQR
RREALKRGEEVPADILTQILKAEEGAQDDEGLLDNFVTFFIAGHETSANHLAFTVMELSRQPEIVARLQAEVDEVIGSKR
YLDFEDLGRLQYLSQVLKESLRLYPPAWGTFRLLEEETLIDGVRVPGNTPLLFSTYVMGRMDTYFEDPLTFNPDRFGPGA
PKPRFTYFPFSLGHRSCIGQQFAQMEVKVVMAKLLQRLEFRLVPGQRFGLQEQATLKPLDPVLCTLRPRGWQPA
;
_entity_poly.pdbx_strand_id   A
#
loop_
_chem_comp.id
_chem_comp.type
_chem_comp.name
_chem_comp.formula
HEM non-polymer 'PROTOPORPHYRIN IX CONTAINING FE' 'C34 H32 Fe N4 O4'
YCJ non-polymer (5-methyl-2-pyridin-4-yl-phenyl)-[4-oxidanyl-4-(phenylmethyl)piperidin-1-yl]methanone 'C25 H26 N2 O2'
#
# COMPACT_ATOMS: atom_id res chain seq x y z
N SER A 8 -6.32 -6.83 -35.26
CA SER A 8 -6.85 -6.92 -33.88
C SER A 8 -8.13 -6.10 -33.76
N ARG A 9 -8.98 -6.46 -32.79
CA ARG A 9 -10.13 -5.65 -32.45
C ARG A 9 -9.67 -4.36 -31.74
N TYR A 10 -8.36 -4.28 -31.46
CA TYR A 10 -7.77 -3.19 -30.70
C TYR A 10 -6.81 -2.35 -31.55
N GLU A 11 -6.64 -2.71 -32.83
CA GLU A 11 -5.62 -2.10 -33.69
C GLU A 11 -5.93 -0.61 -33.95
N HIS A 12 -7.23 -0.26 -33.95
CA HIS A 12 -7.75 1.07 -34.33
C HIS A 12 -7.53 2.07 -33.18
N ILE A 13 -7.37 1.56 -31.93
CA ILE A 13 -7.01 2.42 -30.79
C ILE A 13 -5.46 3.05 -30.92
N PRO A 14 -5.26 4.33 -30.58
CA PRO A 14 -3.97 4.85 -30.62
C PRO A 14 -3.07 4.02 -29.64
N GLY A 15 -1.78 3.88 -30.01
CA GLY A 15 -0.76 3.15 -29.26
C GLY A 15 0.51 2.92 -30.11
N PRO A 16 1.57 2.27 -29.57
CA PRO A 16 2.86 2.15 -30.27
C PRO A 16 2.89 1.04 -31.32
N PRO A 17 3.02 1.39 -32.63
CA PRO A 17 3.03 0.39 -33.71
C PRO A 17 4.33 -0.44 -33.75
N VAL A 39 10.96 0.95 -15.21
CA VAL A 39 9.67 0.45 -14.61
C VAL A 39 8.50 0.58 -15.60
N LEU A 40 7.61 -0.43 -15.61
CA LEU A 40 6.52 -0.55 -16.57
C LEU A 40 5.54 0.64 -16.51
N GLN A 41 5.27 1.15 -15.31
CA GLN A 41 4.49 2.37 -15.19
C GLN A 41 5.13 3.52 -15.98
N ASP A 42 6.46 3.51 -16.12
CA ASP A 42 7.12 4.63 -16.76
C ASP A 42 6.88 4.56 -18.26
N VAL A 43 6.79 3.33 -18.78
CA VAL A 43 6.57 3.12 -20.19
C VAL A 43 5.15 3.60 -20.52
N PHE A 44 4.21 3.23 -19.64
CA PHE A 44 2.84 3.71 -19.68
C PHE A 44 2.78 5.24 -19.65
N LEU A 45 3.57 5.88 -18.78
CA LEU A 45 3.59 7.33 -18.69
C LEU A 45 3.96 7.93 -20.05
N ASP A 46 5.08 7.45 -20.62
CA ASP A 46 5.59 7.89 -21.91
C ASP A 46 4.54 7.70 -23.00
N TRP A 47 3.79 6.58 -22.93
CA TRP A 47 2.79 6.28 -23.94
C TRP A 47 1.55 7.16 -23.80
N ALA A 48 1.08 7.37 -22.56
CA ALA A 48 -0.03 8.28 -22.30
C ALA A 48 0.32 9.69 -22.80
N LYS A 49 1.57 10.11 -22.60
CA LYS A 49 2.02 11.43 -23.04
C LYS A 49 2.00 11.51 -24.56
N LYS A 50 2.63 10.50 -25.19
CA LYS A 50 2.81 10.41 -26.63
C LYS A 50 1.47 10.22 -27.33
N TYR A 51 0.55 9.44 -26.72
CA TYR A 51 -0.62 8.94 -27.45
C TYR A 51 -1.98 9.45 -26.93
N GLY A 52 -2.06 10.06 -25.75
CA GLY A 52 -3.33 10.65 -25.36
C GLY A 52 -4.04 9.89 -24.24
N PRO A 53 -5.30 10.24 -23.89
CA PRO A 53 -5.96 9.69 -22.71
C PRO A 53 -6.52 8.26 -22.81
N VAL A 54 -6.33 7.61 -23.98
CA VAL A 54 -6.86 6.27 -24.19
C VAL A 54 -5.87 5.46 -25.03
N VAL A 55 -5.07 4.60 -24.40
CA VAL A 55 -4.00 3.93 -25.12
C VAL A 55 -4.07 2.43 -24.90
N ARG A 56 -3.83 1.66 -25.97
CA ARG A 56 -3.76 0.20 -25.85
C ARG A 56 -2.35 -0.24 -25.47
N VAL A 57 -2.31 -1.21 -24.55
CA VAL A 57 -1.10 -1.75 -23.94
C VAL A 57 -1.21 -3.28 -23.76
N ASN A 58 -0.13 -3.86 -23.22
CA ASN A 58 -0.09 -5.26 -22.82
C ASN A 58 0.25 -5.34 -21.33
N VAL A 59 -0.68 -5.91 -20.55
CA VAL A 59 -0.40 -6.38 -19.21
C VAL A 59 -0.75 -7.86 -19.13
N PHE A 60 0.27 -8.67 -18.82
CA PHE A 60 0.16 -10.12 -18.72
C PHE A 60 -0.09 -10.70 -20.12
N LYS A 62 -2.49 -10.06 -21.56
CA LYS A 62 -3.69 -9.71 -22.35
C LYS A 62 -3.69 -8.22 -22.69
N THR A 63 -4.42 -7.84 -23.74
CA THR A 63 -4.49 -6.45 -24.11
C THR A 63 -5.39 -5.71 -23.13
N SER A 64 -4.92 -4.56 -22.64
CA SER A 64 -5.79 -3.64 -21.94
C SER A 64 -5.61 -2.20 -22.46
N VAL A 65 -6.34 -1.26 -21.85
CA VAL A 65 -6.47 0.10 -22.35
C VAL A 65 -6.31 1.03 -21.15
N ILE A 66 -5.25 1.85 -21.18
CA ILE A 66 -4.98 2.78 -20.10
C ILE A 66 -5.69 4.10 -20.38
N VAL A 67 -6.42 4.54 -19.35
CA VAL A 67 -7.38 5.63 -19.44
C VAL A 67 -6.90 6.67 -18.45
N THR A 68 -6.51 7.85 -18.97
CA THR A 68 -5.86 8.81 -18.10
C THR A 68 -6.57 10.17 -18.08
N SER A 69 -7.80 10.27 -18.55
CA SER A 69 -8.51 11.53 -18.36
C SER A 69 -9.25 11.52 -17.03
N PRO A 70 -9.34 12.69 -16.34
CA PRO A 70 -10.07 12.79 -15.06
C PRO A 70 -11.54 12.43 -15.18
N GLU A 71 -12.15 12.81 -16.32
CA GLU A 71 -13.54 12.51 -16.58
C GLU A 71 -13.76 11.00 -16.52
N SER A 72 -12.83 10.25 -17.11
CA SER A 72 -12.92 8.80 -17.20
C SER A 72 -12.74 8.17 -15.82
N VAL A 73 -11.72 8.66 -15.09
CA VAL A 73 -11.49 8.22 -13.74
C VAL A 73 -12.78 8.31 -12.93
N LYS A 74 -13.45 9.48 -13.01
CA LYS A 74 -14.70 9.75 -12.32
C LYS A 74 -15.76 8.77 -12.78
N LYS A 75 -15.96 8.63 -14.11
CA LYS A 75 -17.05 7.80 -14.61
C LYS A 75 -16.89 6.35 -14.17
N PHE A 76 -15.66 5.79 -14.26
CA PHE A 76 -15.53 4.36 -14.02
C PHE A 76 -15.33 4.01 -12.55
N LEU A 77 -14.66 4.87 -11.77
CA LEU A 77 -14.35 4.47 -10.39
C LEU A 77 -15.47 4.89 -9.44
N MET A 78 -16.18 5.97 -9.77
CA MET A 78 -17.23 6.45 -8.89
C MET A 78 -18.60 5.87 -9.23
N SER A 79 -18.63 4.72 -9.91
CA SER A 79 -19.90 4.11 -10.27
C SER A 79 -19.91 2.64 -9.84
N THR A 80 -21.03 2.17 -9.30
CA THR A 80 -21.11 0.78 -8.88
C THR A 80 -21.54 -0.13 -10.03
N LYS A 81 -21.71 0.46 -11.23
CA LYS A 81 -22.00 -0.29 -12.45
C LYS A 81 -20.73 -0.95 -12.98
N TYR A 82 -19.56 -0.40 -12.63
CA TYR A 82 -18.32 -0.94 -13.14
C TYR A 82 -17.64 -1.75 -12.04
N ASN A 83 -17.31 -3.00 -12.36
CA ASN A 83 -16.69 -3.94 -11.43
C ASN A 83 -15.23 -4.12 -11.83
N LYS A 84 -14.42 -4.66 -10.91
CA LYS A 84 -13.03 -4.95 -11.23
C LYS A 84 -13.00 -6.06 -12.25
N ASP A 85 -11.91 -6.12 -13.02
CA ASP A 85 -11.73 -7.15 -14.04
C ASP A 85 -10.92 -8.31 -13.46
N SER A 86 -11.59 -9.45 -13.27
CA SER A 86 -11.02 -10.60 -12.58
C SER A 86 -9.85 -11.19 -13.34
N LYS A 87 -9.84 -11.07 -14.68
CA LYS A 87 -8.77 -11.61 -15.48
C LYS A 87 -7.47 -10.87 -15.15
N MET A 88 -7.59 -9.60 -14.76
CA MET A 88 -6.42 -8.81 -14.42
C MET A 88 -5.93 -9.07 -12.99
N TYR A 89 -6.82 -9.59 -12.12
CA TYR A 89 -6.44 -9.85 -10.73
C TYR A 89 -5.94 -11.29 -10.56
N ARG A 90 -5.97 -12.03 -11.68
CA ARG A 90 -5.76 -13.46 -11.67
C ARG A 90 -4.35 -13.73 -11.17
N ALA A 91 -3.46 -12.75 -11.38
CA ALA A 91 -2.08 -12.90 -10.97
C ALA A 91 -1.90 -12.65 -9.46
N LEU A 92 -2.94 -12.15 -8.78
CA LEU A 92 -2.93 -12.01 -7.33
C LEU A 92 -3.74 -13.14 -6.67
N GLN A 93 -4.69 -13.72 -7.40
CA GLN A 93 -5.49 -14.82 -6.86
C GLN A 93 -4.61 -16.06 -6.67
N THR A 94 -3.90 -16.46 -7.73
CA THR A 94 -3.08 -17.66 -7.70
C THR A 94 -1.71 -17.32 -8.27
N VAL A 95 -0.67 -18.00 -7.76
CA VAL A 95 0.70 -17.88 -8.26
C VAL A 95 1.28 -19.29 -8.38
N PHE A 96 1.68 -19.65 -9.62
CA PHE A 96 2.21 -20.95 -10.01
C PHE A 96 1.40 -22.07 -9.37
N GLY A 97 0.08 -21.95 -9.46
CA GLY A 97 -0.84 -22.96 -8.97
C GLY A 97 -1.03 -22.89 -7.46
N GLU A 98 -0.51 -21.86 -6.79
CA GLU A 98 -0.74 -21.75 -5.36
C GLU A 98 -1.68 -20.58 -5.08
N ARG A 99 -2.74 -20.88 -4.33
CA ARG A 99 -3.73 -19.89 -3.92
C ARG A 99 -3.04 -18.84 -3.03
N LEU A 100 -3.15 -17.55 -3.44
CA LEU A 100 -2.55 -16.46 -2.69
C LEU A 100 -3.65 -15.56 -2.14
N PHE A 101 -4.08 -14.53 -2.89
CA PHE A 101 -5.19 -13.69 -2.45
C PHE A 101 -6.54 -14.37 -2.72
N GLY A 102 -6.57 -15.35 -3.64
CA GLY A 102 -7.80 -16.09 -3.94
C GLY A 102 -9.00 -15.17 -4.03
N GLN A 103 -10.03 -15.45 -3.21
CA GLN A 103 -11.30 -14.72 -3.29
C GLN A 103 -11.47 -13.80 -2.08
N GLY A 104 -10.35 -13.32 -1.52
CA GLY A 104 -10.39 -12.32 -0.46
C GLY A 104 -10.87 -10.96 -0.97
N LEU A 105 -10.81 -9.95 -0.08
CA LEU A 105 -11.52 -8.70 -0.27
C LEU A 105 -10.96 -7.85 -1.42
N VAL A 106 -9.68 -8.02 -1.76
CA VAL A 106 -9.10 -7.21 -2.82
C VAL A 106 -9.46 -7.82 -4.18
N SER A 107 -9.41 -9.14 -4.26
CA SER A 107 -9.30 -9.81 -5.54
C SER A 107 -10.63 -10.46 -5.95
N GLU A 108 -11.65 -10.37 -5.07
CA GLU A 108 -13.00 -10.79 -5.37
C GLU A 108 -13.69 -9.74 -6.25
N CYS A 109 -14.18 -10.18 -7.42
CA CYS A 109 -14.71 -9.29 -8.45
C CYS A 109 -16.22 -9.44 -8.61
N ASN A 110 -16.81 -10.48 -8.03
CA ASN A 110 -18.26 -10.55 -7.93
C ASN A 110 -18.77 -9.54 -6.89
N TYR A 111 -19.67 -8.66 -7.31
CA TYR A 111 -20.08 -7.52 -6.48
C TYR A 111 -20.72 -7.99 -5.18
N GLU A 112 -21.69 -8.92 -5.27
CA GLU A 112 -22.42 -9.38 -4.08
C GLU A 112 -21.42 -9.93 -3.01
N ARG A 113 -20.61 -10.91 -3.50
CA ARG A 113 -19.65 -11.57 -2.63
C ARG A 113 -18.77 -10.51 -1.96
N TRP A 114 -18.23 -9.59 -2.76
CA TRP A 114 -17.43 -8.47 -2.29
C TRP A 114 -18.17 -7.67 -1.21
N HIS A 115 -19.41 -7.24 -1.55
CA HIS A 115 -20.21 -6.30 -0.76
C HIS A 115 -20.49 -6.89 0.64
N LYS A 116 -20.73 -8.21 0.67
CA LYS A 116 -21.06 -8.91 1.90
C LYS A 116 -19.89 -8.83 2.87
N GLN A 117 -18.69 -9.17 2.39
CA GLN A 117 -17.52 -9.24 3.25
C GLN A 117 -17.02 -7.83 3.57
N ARG A 118 -17.17 -6.90 2.62
CA ARG A 118 -16.69 -5.54 2.85
C ARG A 118 -17.41 -4.93 4.06
N ARG A 119 -18.73 -5.15 4.11
CA ARG A 119 -19.56 -4.50 5.10
C ARG A 119 -19.31 -5.09 6.49
N VAL A 120 -19.02 -6.40 6.56
CA VAL A 120 -18.69 -7.08 7.81
C VAL A 120 -17.34 -6.59 8.32
N ILE A 121 -16.34 -6.49 7.44
CA ILE A 121 -14.98 -6.19 7.84
C ILE A 121 -14.84 -4.70 8.17
N ASP A 122 -15.70 -3.84 7.56
CA ASP A 122 -15.78 -2.41 7.86
C ASP A 122 -15.80 -2.12 9.35
N LEU A 123 -16.38 -3.02 10.15
CA LEU A 123 -16.53 -2.80 11.60
C LEU A 123 -15.18 -2.63 12.29
N ALA A 124 -14.15 -3.31 11.77
CA ALA A 124 -12.84 -3.30 12.40
C ALA A 124 -12.11 -1.99 12.08
N PHE A 125 -12.68 -1.17 11.19
CA PHE A 125 -12.06 0.08 10.78
C PHE A 125 -12.91 1.28 11.19
N SER A 126 -13.82 1.10 12.15
CA SER A 126 -14.59 2.21 12.65
C SER A 126 -13.66 3.18 13.37
N ARG A 127 -14.21 4.37 13.63
CA ARG A 127 -13.49 5.44 14.30
C ARG A 127 -12.90 4.92 15.62
N SER A 128 -13.72 4.22 16.41
CA SER A 128 -13.30 3.81 17.74
C SER A 128 -12.38 2.59 17.70
N SER A 129 -12.49 1.74 16.67
CA SER A 129 -11.52 0.68 16.52
C SER A 129 -10.12 1.24 16.26
N LEU A 130 -10.04 2.19 15.30
CA LEU A 130 -8.76 2.78 14.92
C LEU A 130 -8.14 3.59 16.05
N VAL A 131 -8.96 4.35 16.79
CA VAL A 131 -8.43 5.17 17.86
C VAL A 131 -7.72 4.29 18.88
N SER A 132 -8.26 3.08 19.09
CA SER A 132 -7.76 2.19 20.11
C SER A 132 -6.45 1.53 19.66
N LEU A 133 -6.07 1.70 18.39
CA LEU A 133 -4.79 1.18 17.89
C LEU A 133 -3.64 2.16 18.14
N MET A 134 -3.95 3.34 18.69
CA MET A 134 -2.96 4.39 18.90
C MET A 134 -1.82 3.92 19.81
N GLU A 135 -2.12 3.05 20.77
CA GLU A 135 -1.13 2.51 21.69
C GLU A 135 -0.13 1.61 20.95
N THR A 136 -0.64 0.80 20.00
CA THR A 136 0.16 -0.15 19.23
C THR A 136 1.11 0.62 18.31
N PHE A 137 0.55 1.60 17.59
CA PHE A 137 1.29 2.48 16.69
C PHE A 137 2.45 3.11 17.47
N ASN A 138 2.15 3.69 18.64
CA ASN A 138 3.14 4.32 19.51
C ASN A 138 4.24 3.35 19.94
N GLU A 139 3.86 2.17 20.44
CA GLU A 139 4.82 1.26 21.02
C GLU A 139 5.81 0.78 19.97
N LYS A 140 5.31 0.33 18.82
CA LYS A 140 6.15 -0.14 17.73
C LYS A 140 7.02 0.98 17.17
N ALA A 141 6.52 2.22 17.12
CA ALA A 141 7.29 3.34 16.60
C ALA A 141 8.40 3.73 17.58
N GLU A 142 8.09 3.64 18.88
CA GLU A 142 9.04 3.93 19.94
C GLU A 142 10.17 2.90 19.92
N GLN A 143 9.80 1.64 19.64
CA GLN A 143 10.78 0.57 19.57
C GLN A 143 11.71 0.81 18.37
N LEU A 144 11.13 1.08 17.19
CA LEU A 144 11.95 1.40 16.03
C LEU A 144 12.91 2.56 16.36
N VAL A 145 12.39 3.64 16.94
CA VAL A 145 13.24 4.80 17.16
C VAL A 145 14.38 4.47 18.14
N GLU A 146 14.10 3.66 19.17
CA GLU A 146 15.14 3.34 20.15
C GLU A 146 16.22 2.47 19.50
N ILE A 147 15.82 1.57 18.59
CA ILE A 147 16.76 0.75 17.85
C ILE A 147 17.62 1.60 16.91
N LEU A 148 17.02 2.61 16.27
CA LEU A 148 17.77 3.46 15.34
C LEU A 148 18.69 4.42 16.10
N GLU A 149 18.22 4.99 17.23
CA GLU A 149 19.02 5.90 18.06
C GLU A 149 20.36 5.27 18.46
N ALA A 150 20.32 3.98 18.81
CA ALA A 150 21.49 3.25 19.28
C ALA A 150 22.54 3.09 18.16
N LYS A 151 22.10 3.20 16.89
CA LYS A 151 23.00 3.13 15.74
C LYS A 151 23.35 4.52 15.21
N ALA A 152 22.96 5.59 15.91
CA ALA A 152 22.99 6.92 15.33
C ALA A 152 24.37 7.58 15.49
N ASP A 153 25.39 6.97 14.90
CA ASP A 153 26.77 7.39 15.04
C ASP A 153 27.27 8.11 13.78
N GLY A 154 26.35 8.45 12.85
CA GLY A 154 26.63 9.08 11.56
C GLY A 154 27.59 8.28 10.66
N GLN A 155 27.67 6.95 10.86
CA GLN A 155 28.63 6.13 10.14
C GLN A 155 28.03 4.77 9.76
N THR A 156 27.33 4.11 10.70
CA THR A 156 26.74 2.79 10.46
C THR A 156 25.64 2.91 9.41
N PRO A 157 25.74 2.18 8.27
CA PRO A 157 24.70 2.23 7.24
C PRO A 157 23.53 1.44 7.78
N VAL A 158 22.31 1.97 7.58
CA VAL A 158 21.11 1.34 8.07
C VAL A 158 20.09 1.31 6.92
N SER A 159 19.54 0.12 6.64
CA SER A 159 18.48 0.04 5.64
C SER A 159 17.18 0.53 6.24
N MET A 160 16.73 1.70 5.80
CA MET A 160 15.47 2.23 6.31
C MET A 160 14.32 1.44 5.68
N GLN A 161 14.57 0.87 4.50
CA GLN A 161 13.50 0.08 3.93
C GLN A 161 13.26 -1.15 4.80
N ASP A 162 14.34 -1.82 5.20
CA ASP A 162 14.17 -3.02 5.96
C ASP A 162 13.53 -2.70 7.32
N MET A 163 14.02 -1.62 7.96
CA MET A 163 13.60 -1.27 9.32
C MET A 163 12.14 -0.83 9.32
N LEU A 164 11.75 -0.06 8.29
CA LEU A 164 10.37 0.35 8.17
C LEU A 164 9.44 -0.85 7.90
N THR A 165 9.88 -1.83 7.09
CA THR A 165 9.09 -3.04 6.84
C THR A 165 8.93 -3.89 8.10
N TYR A 166 9.98 -4.04 8.94
CA TYR A 166 9.81 -4.77 10.19
C TYR A 166 8.79 -4.06 11.10
N THR A 167 8.80 -2.72 11.09
CA THR A 167 7.93 -1.94 11.95
C THR A 167 6.49 -2.13 11.52
N ALA A 168 6.25 -2.10 10.19
CA ALA A 168 4.90 -2.19 9.67
C ALA A 168 4.33 -3.59 9.91
N MET A 169 5.16 -4.60 9.68
CA MET A 169 4.75 -5.96 9.95
C MET A 169 4.45 -6.14 11.44
N ASP A 170 5.29 -5.57 12.33
CA ASP A 170 5.07 -5.76 13.76
C ASP A 170 3.77 -5.07 14.20
N ILE A 171 3.51 -3.90 13.62
CA ILE A 171 2.26 -3.20 13.85
C ILE A 171 1.08 -4.04 13.35
N LEU A 172 1.14 -4.57 12.11
CA LEU A 172 0.00 -5.25 11.50
C LEU A 172 -0.39 -6.50 12.30
N ALA A 173 0.62 -7.34 12.59
CA ALA A 173 0.44 -8.58 13.32
C ALA A 173 -0.29 -8.35 14.64
N LYS A 174 0.15 -7.34 15.39
CA LYS A 174 -0.48 -7.03 16.67
C LYS A 174 -1.89 -6.46 16.43
N ALA A 175 -1.96 -5.45 15.56
CA ALA A 175 -3.16 -4.66 15.37
C ALA A 175 -4.30 -5.50 14.80
N ALA A 176 -4.00 -6.28 13.75
CA ALA A 176 -5.02 -6.99 12.99
C ALA A 176 -5.28 -8.38 13.55
N PHE A 177 -4.25 -9.03 14.13
CA PHE A 177 -4.34 -10.45 14.46
C PHE A 177 -4.01 -10.77 15.91
N GLY A 178 -3.63 -9.77 16.71
CA GLY A 178 -3.24 -9.98 18.09
C GLY A 178 -1.95 -10.78 18.30
N MET A 179 -1.04 -10.82 17.31
CA MET A 179 0.18 -11.60 17.45
C MET A 179 1.42 -10.69 17.48
N GLU A 180 2.47 -11.15 18.16
CA GLU A 180 3.71 -10.39 18.30
C GLU A 180 4.80 -11.06 17.47
N THR A 181 5.07 -10.53 16.27
CA THR A 181 6.05 -11.10 15.35
C THR A 181 7.48 -10.83 15.82
N SER A 182 7.70 -9.66 16.44
CA SER A 182 9.01 -9.24 16.96
C SER A 182 10.09 -9.16 15.89
N MET A 183 9.72 -8.73 14.68
CA MET A 183 10.66 -8.63 13.57
C MET A 183 11.70 -7.53 13.83
N LEU A 184 11.28 -6.46 14.52
CA LEU A 184 12.19 -5.40 14.97
C LEU A 184 13.31 -5.99 15.84
N LEU A 185 13.00 -7.09 16.54
CA LEU A 185 13.99 -7.77 17.36
C LEU A 185 14.76 -8.83 16.58
N GLY A 186 14.49 -8.96 15.28
CA GLY A 186 15.23 -9.89 14.44
C GLY A 186 14.58 -11.26 14.37
N ALA A 187 13.34 -11.38 14.87
CA ALA A 187 12.59 -12.64 14.76
C ALA A 187 11.93 -12.76 13.39
N GLN A 188 11.55 -14.00 13.06
CA GLN A 188 10.65 -14.31 11.96
C GLN A 188 11.33 -14.03 10.61
N LYS A 189 12.61 -14.42 10.54
CA LYS A 189 13.40 -14.28 9.33
C LYS A 189 12.87 -15.21 8.23
N PRO A 190 12.44 -16.45 8.53
CA PRO A 190 11.86 -17.32 7.50
C PRO A 190 10.61 -16.68 6.90
N LEU A 191 9.81 -16.03 7.75
CA LEU A 191 8.57 -15.39 7.34
C LEU A 191 8.88 -14.23 6.40
N SER A 192 9.89 -13.44 6.80
CA SER A 192 10.41 -12.34 6.00
C SER A 192 10.82 -12.85 4.62
N GLN A 193 11.51 -14.00 4.62
CA GLN A 193 11.98 -14.62 3.39
C GLN A 193 10.83 -15.05 2.50
N ALA A 194 9.81 -15.69 3.10
CA ALA A 194 8.61 -16.12 2.39
C ALA A 194 7.99 -14.95 1.64
N VAL A 195 7.74 -13.87 2.38
CA VAL A 195 7.15 -12.68 1.79
C VAL A 195 7.98 -12.23 0.59
N LYS A 196 9.30 -12.09 0.78
CA LYS A 196 10.14 -11.57 -0.29
C LYS A 196 9.99 -12.44 -1.54
N LEU A 197 10.06 -13.76 -1.35
CA LEU A 197 10.05 -14.68 -2.47
C LEU A 197 8.71 -14.71 -3.17
N MET A 198 7.61 -14.47 -2.42
CA MET A 198 6.31 -14.52 -3.07
C MET A 198 6.10 -13.27 -3.92
N LEU A 199 6.62 -12.14 -3.45
CA LEU A 199 6.49 -10.87 -4.16
C LEU A 199 7.20 -10.92 -5.52
N GLU A 200 8.43 -11.47 -5.55
CA GLU A 200 9.17 -11.71 -6.79
C GLU A 200 8.39 -12.61 -7.74
N GLY A 201 7.58 -13.50 -7.19
CA GLY A 201 6.93 -14.53 -7.97
C GLY A 201 5.74 -14.02 -8.78
N ILE A 202 5.02 -13.02 -8.24
CA ILE A 202 3.86 -12.46 -8.93
C ILE A 202 4.24 -11.91 -10.32
N THR A 203 5.50 -11.47 -10.46
CA THR A 203 5.96 -10.76 -11.64
C THR A 203 6.77 -11.67 -12.57
N ALA A 204 6.91 -12.96 -12.21
CA ALA A 204 7.63 -13.89 -13.07
C ALA A 204 6.64 -14.89 -13.70
N LYS A 216 15.26 -21.97 -13.17
CA LYS A 216 13.80 -21.67 -13.06
C LYS A 216 13.16 -22.67 -12.11
N ARG A 217 13.32 -23.97 -12.38
CA ARG A 217 12.74 -25.07 -11.60
C ARG A 217 12.80 -24.76 -10.09
N LYS A 218 13.90 -24.14 -9.65
CA LYS A 218 14.20 -23.88 -8.25
C LYS A 218 13.46 -22.65 -7.71
N GLN A 219 13.42 -21.57 -8.51
CA GLN A 219 12.72 -20.37 -8.10
C GLN A 219 11.23 -20.71 -8.02
N LEU A 220 10.81 -21.64 -8.87
CA LEU A 220 9.44 -22.13 -8.94
C LEU A 220 9.05 -22.82 -7.63
N ARG A 221 10.04 -23.47 -7.00
CA ARG A 221 9.85 -24.25 -5.78
C ARG A 221 9.83 -23.35 -4.54
N GLU A 222 10.77 -22.38 -4.54
CA GLU A 222 10.87 -21.39 -3.48
C GLU A 222 9.59 -20.55 -3.43
N VAL A 223 8.96 -20.32 -4.59
CA VAL A 223 7.79 -19.45 -4.60
C VAL A 223 6.61 -20.18 -3.96
N ARG A 224 6.30 -21.37 -4.50
CA ARG A 224 5.19 -22.21 -4.03
C ARG A 224 5.29 -22.46 -2.52
N GLU A 225 6.47 -22.86 -2.05
CA GLU A 225 6.63 -23.14 -0.63
C GLU A 225 6.33 -21.89 0.21
N SER A 226 6.75 -20.71 -0.29
CA SER A 226 6.56 -19.48 0.44
C SER A 226 5.07 -19.17 0.61
N ILE A 227 4.32 -19.32 -0.49
CA ILE A 227 2.89 -19.04 -0.45
C ILE A 227 2.24 -20.01 0.54
N ARG A 228 2.59 -21.31 0.45
CA ARG A 228 2.05 -22.32 1.34
C ARG A 228 2.44 -22.02 2.79
N PHE A 229 3.67 -21.55 3.02
CA PHE A 229 4.09 -21.13 4.34
C PHE A 229 3.16 -20.06 4.91
N LEU A 230 2.84 -19.05 4.11
CA LEU A 230 2.06 -17.95 4.64
C LEU A 230 0.63 -18.37 4.96
N ARG A 231 0.06 -19.27 4.16
CA ARG A 231 -1.26 -19.83 4.42
C ARG A 231 -1.21 -20.74 5.64
N GLN A 232 -0.08 -21.42 5.83
CA GLN A 232 0.10 -22.27 7.00
C GLN A 232 0.16 -21.41 8.26
N VAL A 233 0.87 -20.29 8.19
CA VAL A 233 0.88 -19.35 9.30
C VAL A 233 -0.56 -18.92 9.61
N GLY A 234 -1.34 -18.62 8.55
CA GLY A 234 -2.74 -18.30 8.70
C GLY A 234 -3.53 -19.36 9.48
N ARG A 235 -3.38 -20.64 9.10
CA ARG A 235 -4.02 -21.74 9.81
C ARG A 235 -3.56 -21.76 11.27
N ASP A 236 -2.27 -21.42 11.50
CA ASP A 236 -1.70 -21.42 12.85
C ASP A 236 -2.41 -20.38 13.71
N TRP A 237 -2.42 -19.11 13.25
CA TRP A 237 -2.91 -18.01 14.07
C TRP A 237 -4.43 -18.09 14.25
N VAL A 238 -5.11 -18.75 13.29
CA VAL A 238 -6.55 -18.90 13.34
C VAL A 238 -6.92 -19.93 14.40
N GLN A 239 -6.12 -21.00 14.47
CA GLN A 239 -6.29 -22.06 15.46
C GLN A 239 -6.19 -21.45 16.87
N ARG A 240 -5.11 -20.65 17.08
CA ARG A 240 -4.83 -20.00 18.37
C ARG A 240 -6.01 -19.13 18.81
N ARG A 241 -6.53 -18.28 17.86
CA ARG A 241 -7.65 -17.40 18.19
C ARG A 241 -8.84 -18.23 18.68
N ARG A 242 -9.10 -19.35 17.98
CA ARG A 242 -10.22 -20.22 18.28
C ARG A 242 -10.03 -20.96 19.62
N GLU A 243 -8.80 -21.40 19.91
CA GLU A 243 -8.49 -22.01 21.21
C GLU A 243 -8.73 -20.97 22.30
N ALA A 244 -8.20 -19.76 22.08
CA ALA A 244 -8.35 -18.67 23.03
C ALA A 244 -9.83 -18.49 23.37
N LEU A 245 -10.65 -18.33 22.31
CA LEU A 245 -12.08 -18.10 22.46
C LEU A 245 -12.73 -19.25 23.21
N LYS A 246 -12.38 -20.50 22.81
CA LYS A 246 -12.87 -21.70 23.47
C LYS A 246 -12.49 -21.68 24.97
N ARG A 247 -11.23 -21.27 25.26
CA ARG A 247 -10.77 -21.29 26.68
C ARG A 247 -11.14 -19.96 27.33
N GLY A 248 -11.83 -18.96 26.46
CA GLY A 248 -12.40 -17.73 26.98
C GLY A 248 -11.34 -16.75 27.49
N GLU A 249 -10.25 -16.62 26.70
CA GLU A 249 -9.25 -15.58 26.93
C GLU A 249 -9.85 -14.24 26.51
N GLU A 250 -9.20 -13.13 27.03
CA GLU A 250 -9.64 -11.85 26.51
C GLU A 250 -9.28 -11.82 25.03
N VAL A 251 -10.28 -11.49 24.22
CA VAL A 251 -10.11 -11.49 22.77
C VAL A 251 -10.44 -10.10 22.25
N PRO A 252 -9.43 -9.21 22.13
CA PRO A 252 -9.58 -7.96 21.38
C PRO A 252 -10.37 -8.17 20.09
N ALA A 253 -11.41 -7.34 19.88
CA ALA A 253 -12.09 -7.30 18.60
C ALA A 253 -11.19 -6.57 17.58
N ASP A 254 -10.73 -7.32 16.56
CA ASP A 254 -9.81 -6.80 15.57
C ASP A 254 -10.27 -7.22 14.17
N ILE A 255 -9.37 -7.09 13.21
CA ILE A 255 -9.64 -7.49 11.83
C ILE A 255 -9.88 -8.99 11.76
N LEU A 256 -9.19 -9.76 12.63
CA LEU A 256 -9.34 -11.20 12.56
C LEU A 256 -10.73 -11.61 13.02
N THR A 257 -11.22 -10.97 14.09
CA THR A 257 -12.60 -11.17 14.51
C THR A 257 -13.52 -11.07 13.29
N GLN A 258 -13.36 -9.99 12.51
CA GLN A 258 -14.30 -9.66 11.44
C GLN A 258 -14.17 -10.62 10.25
N ILE A 259 -12.96 -11.09 9.94
CA ILE A 259 -12.84 -12.01 8.82
C ILE A 259 -13.33 -13.42 9.19
N LEU A 260 -13.32 -13.74 10.49
CA LEU A 260 -13.93 -14.98 10.95
C LEU A 260 -15.43 -14.93 10.73
N LYS A 261 -16.06 -13.85 11.22
CA LYS A 261 -17.49 -13.63 11.10
C LYS A 261 -17.93 -13.73 9.63
N ALA A 262 -17.12 -13.18 8.71
CA ALA A 262 -17.50 -13.10 7.30
C ALA A 262 -17.76 -14.47 6.69
N GLU A 263 -17.29 -15.53 7.37
CA GLU A 263 -17.25 -16.88 6.81
C GLU A 263 -18.09 -17.86 7.63
N GLU A 264 -19.28 -17.41 8.04
CA GLU A 264 -20.04 -18.15 9.05
C GLU A 264 -20.53 -19.50 8.54
N GLY A 265 -20.74 -19.61 7.21
CA GLY A 265 -21.37 -20.82 6.69
C GLY A 265 -20.56 -21.53 5.60
N ALA A 266 -19.32 -21.09 5.38
CA ALA A 266 -18.43 -21.73 4.41
C ALA A 266 -18.21 -23.19 4.80
N GLN A 267 -18.01 -24.07 3.80
CA GLN A 267 -17.77 -25.48 4.05
C GLN A 267 -16.31 -25.72 4.46
N ASP A 268 -15.43 -24.77 4.12
CA ASP A 268 -14.03 -24.85 4.52
C ASP A 268 -13.47 -23.44 4.75
N ASP A 269 -12.17 -23.36 5.07
CA ASP A 269 -11.57 -22.13 5.57
C ASP A 269 -10.84 -21.38 4.46
N GLU A 270 -11.07 -21.75 3.20
CA GLU A 270 -10.33 -21.21 2.07
C GLU A 270 -10.57 -19.69 1.93
N GLY A 271 -11.84 -19.28 2.07
CA GLY A 271 -12.19 -17.87 2.04
C GLY A 271 -11.52 -17.10 3.18
N LEU A 272 -11.55 -17.69 4.37
CA LEU A 272 -10.92 -17.16 5.57
C LEU A 272 -9.43 -16.97 5.34
N LEU A 273 -8.77 -17.98 4.76
CA LEU A 273 -7.34 -17.91 4.55
C LEU A 273 -7.01 -16.88 3.47
N ASP A 274 -7.86 -16.78 2.44
CA ASP A 274 -7.68 -15.79 1.39
C ASP A 274 -7.59 -14.41 2.01
N ASN A 275 -8.52 -14.11 2.93
CA ASN A 275 -8.52 -12.82 3.61
C ASN A 275 -7.32 -12.68 4.56
N PHE A 276 -6.94 -13.77 5.23
CA PHE A 276 -5.76 -13.73 6.09
C PHE A 276 -4.56 -13.25 5.28
N VAL A 277 -4.28 -13.93 4.16
CA VAL A 277 -3.11 -13.61 3.36
C VAL A 277 -3.23 -12.18 2.84
N THR A 278 -4.42 -11.80 2.40
CA THR A 278 -4.70 -10.48 1.85
C THR A 278 -4.35 -9.41 2.86
N PHE A 279 -4.93 -9.49 4.06
CA PHE A 279 -4.67 -8.46 5.06
C PHE A 279 -3.24 -8.53 5.56
N PHE A 280 -2.71 -9.75 5.70
CA PHE A 280 -1.35 -9.90 6.17
C PHE A 280 -0.41 -9.11 5.26
N ILE A 281 -0.62 -9.25 3.94
CA ILE A 281 0.27 -8.66 2.96
C ILE A 281 -0.12 -7.20 2.70
N ALA A 282 -1.40 -6.94 2.42
CA ALA A 282 -1.82 -5.59 2.08
C ALA A 282 -1.60 -4.65 3.26
N GLY A 283 -1.68 -5.18 4.49
CA GLY A 283 -1.71 -4.37 5.69
C GLY A 283 -0.34 -3.87 6.16
N HIS A 284 0.75 -4.38 5.56
CA HIS A 284 2.08 -3.87 5.91
C HIS A 284 2.88 -3.39 4.71
N GLU A 285 2.74 -4.06 3.54
CA GLU A 285 3.72 -3.94 2.47
C GLU A 285 3.75 -2.51 1.91
N THR A 286 2.56 -1.95 1.66
CA THR A 286 2.46 -0.65 1.02
C THR A 286 2.73 0.42 2.06
N SER A 287 2.27 0.21 3.30
CA SER A 287 2.65 1.12 4.39
C SER A 287 4.18 1.25 4.48
N ALA A 288 4.86 0.10 4.47
CA ALA A 288 6.32 0.04 4.55
C ALA A 288 6.96 0.88 3.44
N ASN A 289 6.47 0.69 2.22
CA ASN A 289 7.09 1.32 1.07
C ASN A 289 6.76 2.81 0.98
N HIS A 290 5.54 3.20 1.40
CA HIS A 290 5.20 4.61 1.52
C HIS A 290 6.17 5.29 2.48
N LEU A 291 6.38 4.71 3.67
CA LEU A 291 7.39 5.22 4.59
C LEU A 291 8.79 5.31 3.96
N ALA A 292 9.26 4.22 3.37
CA ALA A 292 10.58 4.16 2.72
C ALA A 292 10.74 5.23 1.64
N PHE A 293 9.74 5.37 0.76
CA PHE A 293 9.78 6.41 -0.26
C PHE A 293 9.88 7.81 0.36
N THR A 294 9.09 8.03 1.41
CA THR A 294 9.07 9.33 2.05
C THR A 294 10.46 9.65 2.63
N VAL A 295 11.04 8.70 3.38
CA VAL A 295 12.38 8.89 3.92
C VAL A 295 13.42 9.10 2.80
N MET A 296 13.37 8.30 1.73
CA MET A 296 14.30 8.44 0.62
C MET A 296 14.20 9.85 0.04
N GLU A 297 12.97 10.32 -0.26
CA GLU A 297 12.85 11.62 -0.89
C GLU A 297 13.29 12.73 0.07
N LEU A 298 12.85 12.61 1.33
CA LEU A 298 13.14 13.69 2.28
C LEU A 298 14.65 13.87 2.45
N SER A 299 15.44 12.83 2.16
CA SER A 299 16.88 12.91 2.34
C SER A 299 17.55 13.87 1.37
N ARG A 300 16.85 14.34 0.33
CA ARG A 300 17.41 15.43 -0.48
C ARG A 300 16.56 16.70 -0.37
N GLN A 301 15.79 16.85 0.72
CA GLN A 301 14.93 18.01 0.89
C GLN A 301 15.18 18.60 2.28
N PRO A 302 16.37 19.17 2.60
CA PRO A 302 16.63 19.53 3.98
C PRO A 302 15.72 20.68 4.49
N GLU A 303 15.31 21.59 3.60
CA GLU A 303 14.44 22.70 4.02
C GLU A 303 13.07 22.14 4.45
N ILE A 304 12.57 21.16 3.70
CA ILE A 304 11.30 20.56 4.08
C ILE A 304 11.46 19.83 5.41
N VAL A 305 12.60 19.14 5.58
CA VAL A 305 12.82 18.35 6.79
C VAL A 305 12.85 19.27 8.01
N ALA A 306 13.47 20.44 7.85
CA ALA A 306 13.58 21.40 8.93
C ALA A 306 12.18 21.88 9.32
N ARG A 307 11.29 22.01 8.34
CA ARG A 307 9.92 22.44 8.56
C ARG A 307 9.17 21.35 9.32
N LEU A 308 9.46 20.09 8.96
CA LEU A 308 8.79 18.96 9.59
C LEU A 308 9.25 18.84 11.03
N GLN A 309 10.55 19.06 11.27
CA GLN A 309 11.12 18.99 12.61
C GLN A 309 10.48 20.07 13.49
N ALA A 310 10.35 21.29 12.94
CA ALA A 310 9.73 22.39 13.64
C ALA A 310 8.28 22.06 14.02
N GLU A 311 7.54 21.45 13.08
CA GLU A 311 6.13 21.16 13.31
C GLU A 311 6.03 20.14 14.43
N VAL A 312 6.84 19.08 14.33
CA VAL A 312 6.80 18.04 15.33
C VAL A 312 7.22 18.64 16.69
N ASP A 313 8.25 19.49 16.70
CA ASP A 313 8.70 20.10 17.95
C ASP A 313 7.55 20.88 18.60
N GLU A 314 6.82 21.68 17.80
CA GLU A 314 5.82 22.59 18.34
C GLU A 314 4.56 21.84 18.79
N VAL A 315 4.23 20.69 18.22
CA VAL A 315 2.93 20.12 18.60
C VAL A 315 3.07 19.08 19.70
N ILE A 316 4.01 18.12 19.57
CA ILE A 316 4.14 17.04 20.52
C ILE A 316 5.26 17.31 21.54
N GLY A 317 6.19 18.22 21.20
CA GLY A 317 7.30 18.57 22.07
C GLY A 317 8.31 17.44 22.25
N SER A 318 8.52 17.06 23.52
CA SER A 318 9.41 15.97 23.91
C SER A 318 8.63 14.72 24.34
N LYS A 319 7.29 14.80 24.36
CA LYS A 319 6.39 13.69 24.65
C LYS A 319 6.78 12.46 23.83
N ARG A 320 6.64 11.29 24.44
CA ARG A 320 7.00 10.05 23.78
C ARG A 320 5.79 9.48 23.08
N TYR A 321 4.60 10.01 23.41
CA TYR A 321 3.35 9.44 22.94
C TYR A 321 2.50 10.49 22.24
N LEU A 322 2.08 10.18 20.99
CA LEU A 322 1.18 11.00 20.20
C LEU A 322 -0.28 10.65 20.52
N ASP A 323 -1.06 11.66 20.90
CA ASP A 323 -2.49 11.50 21.17
C ASP A 323 -3.18 11.42 19.82
N PHE A 324 -4.35 10.77 19.77
CA PHE A 324 -5.11 10.77 18.53
C PHE A 324 -5.21 12.19 17.97
N GLU A 325 -5.45 13.18 18.85
CA GLU A 325 -5.80 14.53 18.45
C GLU A 325 -4.60 15.27 17.89
N ASP A 326 -3.40 14.91 18.37
CA ASP A 326 -2.14 15.42 17.86
C ASP A 326 -2.00 15.14 16.35
N LEU A 327 -2.56 14.01 15.88
CA LEU A 327 -2.38 13.63 14.48
C LEU A 327 -2.97 14.72 13.58
N GLY A 328 -4.14 15.26 13.98
CA GLY A 328 -4.81 16.30 13.22
C GLY A 328 -3.96 17.56 13.08
N ARG A 329 -3.17 17.87 14.10
CA ARG A 329 -2.40 19.10 14.15
C ARG A 329 -1.10 19.02 13.34
N LEU A 330 -0.71 17.82 12.88
CA LEU A 330 0.49 17.70 12.06
C LEU A 330 0.13 17.90 10.59
N GLN A 331 -0.24 19.15 10.27
CA GLN A 331 -0.86 19.50 9.00
C GLN A 331 0.19 19.42 7.89
N TYR A 332 1.39 19.96 8.14
CA TYR A 332 2.42 19.95 7.12
C TYR A 332 2.94 18.53 6.86
N LEU A 333 3.10 17.70 7.90
CA LEU A 333 3.55 16.33 7.70
C LEU A 333 2.52 15.61 6.82
N SER A 334 1.27 15.96 7.06
CA SER A 334 0.16 15.37 6.33
C SER A 334 0.24 15.69 4.82
N GLN A 335 0.70 16.91 4.48
CA GLN A 335 0.84 17.37 3.10
C GLN A 335 2.05 16.67 2.46
N VAL A 336 3.11 16.52 3.25
CA VAL A 336 4.30 15.84 2.75
C VAL A 336 3.96 14.41 2.33
N LEU A 337 3.16 13.71 3.14
CA LEU A 337 2.83 12.32 2.86
C LEU A 337 1.92 12.26 1.63
N LYS A 338 1.05 13.26 1.48
CA LYS A 338 0.22 13.27 0.28
C LYS A 338 1.06 13.43 -0.99
N GLU A 339 2.05 14.34 -0.96
CA GLU A 339 2.90 14.64 -2.09
C GLU A 339 3.79 13.42 -2.36
N SER A 340 4.19 12.72 -1.30
CA SER A 340 4.94 11.48 -1.47
C SER A 340 4.10 10.44 -2.22
N LEU A 341 2.78 10.38 -1.95
CA LEU A 341 1.91 9.43 -2.64
C LEU A 341 1.64 9.86 -4.09
N ARG A 342 1.78 11.17 -4.39
CA ARG A 342 1.58 11.66 -5.75
C ARG A 342 2.68 11.09 -6.65
N LEU A 343 3.93 11.18 -6.19
CA LEU A 343 5.07 10.78 -6.99
C LEU A 343 5.41 9.31 -6.79
N TYR A 344 5.04 8.76 -5.63
CA TYR A 344 5.47 7.42 -5.25
C TYR A 344 4.28 6.61 -4.71
N PRO A 345 3.20 6.36 -5.49
CA PRO A 345 2.11 5.50 -5.02
C PRO A 345 2.54 4.03 -5.05
N PRO A 346 2.71 3.35 -3.88
CA PRO A 346 3.00 1.92 -3.89
C PRO A 346 1.93 1.12 -4.64
N ALA A 347 0.64 1.44 -4.39
CA ALA A 347 -0.44 0.82 -5.14
C ALA A 347 -0.73 1.71 -6.34
N TRP A 348 -0.18 1.31 -7.48
CA TRP A 348 -0.07 2.22 -8.62
C TRP A 348 -1.44 2.47 -9.28
N GLY A 349 -2.41 1.58 -9.05
CA GLY A 349 -3.67 1.66 -9.79
C GLY A 349 -4.61 0.46 -9.61
N THR A 350 -5.49 0.25 -10.60
CA THR A 350 -6.65 -0.64 -10.49
C THR A 350 -7.19 -0.90 -11.90
N PHE A 351 -8.02 -1.93 -12.01
CA PHE A 351 -8.65 -2.27 -13.27
C PHE A 351 -10.17 -2.38 -13.07
N ARG A 352 -10.91 -1.91 -14.07
CA ARG A 352 -12.34 -2.18 -14.18
C ARG A 352 -12.62 -2.86 -15.52
N LEU A 353 -13.67 -3.71 -15.53
CA LEU A 353 -14.17 -4.36 -16.73
C LEU A 353 -15.16 -3.44 -17.46
N LEU A 354 -14.79 -3.03 -18.68
CA LEU A 354 -15.76 -2.38 -19.54
C LEU A 354 -16.62 -3.48 -20.16
N GLU A 355 -17.93 -3.46 -19.89
CA GLU A 355 -18.77 -4.58 -20.29
C GLU A 355 -19.22 -4.43 -21.75
N GLU A 356 -19.55 -3.21 -22.19
CA GLU A 356 -20.04 -3.08 -23.55
C GLU A 356 -19.31 -1.96 -24.29
N GLU A 357 -19.31 -2.05 -25.63
CA GLU A 357 -18.64 -1.05 -26.43
C GLU A 357 -19.03 0.36 -25.95
N THR A 358 -18.03 1.20 -25.67
CA THR A 358 -18.24 2.53 -25.13
C THR A 358 -17.26 3.48 -25.83
N LEU A 359 -17.73 4.70 -26.11
CA LEU A 359 -16.87 5.77 -26.58
C LEU A 359 -16.21 6.41 -25.36
N ILE A 360 -14.87 6.34 -25.30
CA ILE A 360 -14.13 6.97 -24.20
C ILE A 360 -13.23 8.04 -24.85
N ASP A 361 -13.50 9.31 -24.45
CA ASP A 361 -12.74 10.48 -24.90
C ASP A 361 -12.44 10.38 -26.39
N GLY A 362 -13.50 10.23 -27.20
CA GLY A 362 -13.37 10.25 -28.65
C GLY A 362 -12.83 8.93 -29.21
N VAL A 363 -12.67 7.89 -28.34
CA VAL A 363 -12.06 6.63 -28.78
C VAL A 363 -13.05 5.49 -28.53
N ARG A 364 -13.31 4.67 -29.58
CA ARG A 364 -14.16 3.48 -29.53
C ARG A 364 -13.42 2.34 -28.79
N VAL A 365 -13.97 1.96 -27.62
CA VAL A 365 -13.30 0.88 -26.85
C VAL A 365 -14.22 -0.36 -26.80
N PRO A 366 -13.78 -1.53 -27.32
CA PRO A 366 -14.66 -2.71 -27.51
C PRO A 366 -15.22 -3.30 -26.21
N GLY A 367 -16.42 -3.94 -26.31
CA GLY A 367 -17.01 -4.74 -25.20
C GLY A 367 -16.00 -5.77 -24.66
N ASN A 368 -16.00 -5.91 -23.28
CA ASN A 368 -15.12 -6.88 -22.63
C ASN A 368 -13.66 -6.45 -22.77
N THR A 369 -13.29 -5.38 -22.07
CA THR A 369 -11.97 -4.79 -22.19
C THR A 369 -11.55 -4.35 -20.80
N PRO A 370 -10.34 -4.73 -20.35
CA PRO A 370 -9.83 -4.25 -19.08
C PRO A 370 -9.37 -2.80 -19.17
N LEU A 371 -9.97 -1.92 -18.35
CA LEU A 371 -9.57 -0.52 -18.28
C LEU A 371 -8.53 -0.40 -17.16
N LEU A 372 -7.39 0.20 -17.48
CA LEU A 372 -6.28 0.37 -16.54
C LEU A 372 -6.22 1.81 -16.07
N PHE A 373 -6.33 2.01 -14.74
CA PHE A 373 -6.21 3.33 -14.14
C PHE A 373 -4.91 3.41 -13.36
N SER A 374 -4.16 4.48 -13.54
CA SER A 374 -2.88 4.63 -12.86
C SER A 374 -2.72 6.04 -12.30
N THR A 375 -2.72 6.14 -10.96
CA THR A 375 -2.38 7.36 -10.24
C THR A 375 -0.89 7.67 -10.42
N TYR A 376 -0.05 6.64 -10.64
CA TYR A 376 1.35 6.91 -10.94
C TYR A 376 1.48 7.71 -12.24
N VAL A 377 0.84 7.23 -13.30
CA VAL A 377 0.94 7.92 -14.58
C VAL A 377 0.39 9.35 -14.46
N MET A 378 -0.83 9.46 -13.92
CA MET A 378 -1.50 10.75 -13.88
C MET A 378 -0.72 11.74 -13.02
N GLY A 379 -0.08 11.26 -11.95
CA GLY A 379 0.65 12.14 -11.05
C GLY A 379 1.88 12.79 -11.69
N ARG A 380 2.36 12.19 -12.79
CA ARG A 380 3.58 12.66 -13.45
C ARG A 380 3.29 13.29 -14.82
N MET A 381 2.02 13.61 -15.06
CA MET A 381 1.67 14.29 -16.30
C MET A 381 1.57 15.81 -16.05
N ASP A 382 2.29 16.57 -16.87
CA ASP A 382 2.30 18.01 -16.69
C ASP A 382 0.92 18.60 -17.02
N THR A 383 0.10 17.87 -17.80
CA THR A 383 -1.25 18.38 -18.04
C THR A 383 -2.10 18.28 -16.77
N TYR A 384 -1.67 17.50 -15.76
CA TYR A 384 -2.43 17.39 -14.52
C TYR A 384 -1.69 18.09 -13.38
N PHE A 385 -0.36 18.01 -13.39
CA PHE A 385 0.43 18.64 -12.34
C PHE A 385 1.52 19.52 -12.93
N GLU A 386 1.49 20.81 -12.61
CA GLU A 386 2.56 21.77 -12.88
C GLU A 386 3.89 21.22 -12.36
N ASP A 387 4.96 21.28 -13.17
CA ASP A 387 6.29 20.74 -12.88
C ASP A 387 6.17 19.45 -12.08
N PRO A 388 5.67 18.37 -12.71
CA PRO A 388 5.23 17.17 -11.98
C PRO A 388 6.34 16.48 -11.20
N LEU A 389 7.59 16.70 -11.62
CA LEU A 389 8.71 16.02 -10.99
C LEU A 389 9.24 16.81 -9.79
N THR A 390 8.64 17.97 -9.51
CA THR A 390 9.02 18.79 -8.36
C THR A 390 8.25 18.31 -7.13
N PHE A 391 8.99 17.97 -6.06
CA PHE A 391 8.38 17.58 -4.81
C PHE A 391 7.90 18.83 -4.06
N ASN A 392 6.60 19.15 -4.14
CA ASN A 392 6.16 20.36 -3.49
C ASN A 392 4.96 20.07 -2.58
N PRO A 393 5.14 19.96 -1.25
CA PRO A 393 4.02 19.76 -0.31
C PRO A 393 2.91 20.80 -0.38
N ASP A 394 3.21 22.00 -0.92
CA ASP A 394 2.23 23.07 -0.92
C ASP A 394 1.05 22.79 -1.86
N ARG A 395 1.20 21.80 -2.77
CA ARG A 395 0.12 21.37 -3.64
C ARG A 395 -1.09 20.98 -2.80
N PHE A 396 -0.84 20.47 -1.58
CA PHE A 396 -1.88 19.95 -0.73
C PHE A 396 -2.17 20.90 0.43
N GLY A 397 -1.75 22.16 0.30
CA GLY A 397 -2.03 23.12 1.35
C GLY A 397 -3.52 23.47 1.40
N PRO A 398 -4.09 23.77 2.59
CA PRO A 398 -5.48 24.23 2.66
C PRO A 398 -5.58 25.49 1.80
N GLY A 399 -6.60 25.55 0.94
CA GLY A 399 -6.75 26.70 0.07
C GLY A 399 -6.12 26.49 -1.31
N ALA A 400 -5.23 25.50 -1.43
CA ALA A 400 -4.78 25.07 -2.76
C ALA A 400 -5.90 24.22 -3.35
N PRO A 401 -6.23 24.37 -4.65
CA PRO A 401 -7.37 23.66 -5.22
C PRO A 401 -7.02 22.18 -5.19
N LYS A 402 -7.99 21.34 -4.82
CA LYS A 402 -7.73 19.91 -4.61
C LYS A 402 -7.69 19.21 -5.96
N PRO A 403 -6.78 18.21 -6.15
CA PRO A 403 -6.72 17.46 -7.40
C PRO A 403 -8.09 16.82 -7.67
N ARG A 404 -8.62 17.07 -8.85
CA ARG A 404 -9.97 16.60 -9.14
C ARG A 404 -9.88 15.41 -10.09
N PHE A 405 -9.84 14.19 -9.49
CA PHE A 405 -9.81 12.91 -10.18
C PHE A 405 -8.49 12.66 -10.91
N THR A 406 -7.40 13.20 -10.35
CA THR A 406 -6.07 13.10 -10.95
C THR A 406 -5.08 12.45 -9.97
N TYR A 407 -5.58 12.09 -8.77
CA TYR A 407 -4.79 11.61 -7.64
C TYR A 407 -5.62 10.63 -6.80
N PHE A 408 -5.20 9.36 -6.79
CA PHE A 408 -5.99 8.35 -6.11
C PHE A 408 -5.08 7.23 -5.60
N PRO A 409 -4.16 7.52 -4.64
CA PRO A 409 -3.22 6.51 -4.13
C PRO A 409 -3.93 5.42 -3.30
N PHE A 410 -5.16 5.71 -2.82
CA PHE A 410 -5.97 4.68 -2.18
C PHE A 410 -7.16 4.30 -3.08
N SER A 411 -7.08 4.62 -4.37
CA SER A 411 -8.20 4.45 -5.28
C SER A 411 -9.37 5.32 -4.82
N LEU A 412 -10.53 5.13 -5.47
CA LEU A 412 -11.74 5.94 -5.27
C LEU A 412 -12.97 5.05 -5.40
N GLY A 413 -14.07 5.48 -4.79
CA GLY A 413 -15.33 4.79 -4.98
C GLY A 413 -15.45 3.59 -4.04
N HIS A 414 -16.37 2.68 -4.38
CA HIS A 414 -16.72 1.54 -3.53
C HIS A 414 -15.55 0.58 -3.28
N ARG A 415 -14.63 0.46 -4.24
CA ARG A 415 -13.44 -0.39 -4.10
C ARG A 415 -12.18 0.38 -3.66
N SER A 416 -12.36 1.49 -2.95
CA SER A 416 -11.24 2.23 -2.39
C SER A 416 -10.69 1.47 -1.17
N CYS A 417 -9.48 1.85 -0.73
CA CYS A 417 -8.77 1.12 0.31
C CYS A 417 -9.55 1.12 1.63
N ILE A 418 -9.91 -0.07 2.15
CA ILE A 418 -10.57 -0.15 3.45
C ILE A 418 -9.58 0.25 4.55
N GLY A 419 -8.27 0.03 4.33
CA GLY A 419 -7.25 0.36 5.33
C GLY A 419 -6.67 1.77 5.23
N GLN A 420 -7.36 2.69 4.52
CA GLN A 420 -6.84 4.02 4.26
C GLN A 420 -6.52 4.79 5.54
N GLN A 421 -7.49 4.87 6.47
CA GLN A 421 -7.29 5.65 7.69
C GLN A 421 -6.28 4.97 8.61
N PHE A 422 -6.24 3.63 8.59
CA PHE A 422 -5.32 2.84 9.40
C PHE A 422 -3.90 3.17 8.96
N ALA A 423 -3.69 3.19 7.64
CA ALA A 423 -2.38 3.45 7.05
C ALA A 423 -1.96 4.89 7.36
N GLN A 424 -2.88 5.84 7.12
CA GLN A 424 -2.61 7.25 7.34
C GLN A 424 -2.19 7.50 8.79
N MET A 425 -2.90 6.89 9.75
CA MET A 425 -2.56 7.12 11.15
C MET A 425 -1.22 6.49 11.47
N GLU A 426 -1.02 5.25 11.01
CA GLU A 426 0.22 4.57 11.37
C GLU A 426 1.43 5.28 10.78
N VAL A 427 1.37 5.70 9.50
CA VAL A 427 2.58 6.28 8.93
C VAL A 427 2.81 7.66 9.53
N LYS A 428 1.73 8.34 9.95
CA LYS A 428 1.90 9.63 10.62
C LYS A 428 2.60 9.44 11.96
N VAL A 429 2.23 8.40 12.71
CA VAL A 429 2.88 8.12 13.99
C VAL A 429 4.35 7.76 13.79
N VAL A 430 4.69 6.92 12.79
CA VAL A 430 6.09 6.52 12.60
C VAL A 430 6.92 7.74 12.22
N MET A 431 6.45 8.47 11.19
CA MET A 431 7.20 9.60 10.67
C MET A 431 7.44 10.64 11.76
N ALA A 432 6.40 10.94 12.56
CA ALA A 432 6.48 11.98 13.58
C ALA A 432 7.56 11.63 14.61
N LYS A 433 7.65 10.35 14.96
CA LYS A 433 8.63 9.91 15.94
C LYS A 433 10.05 9.90 15.38
N LEU A 434 10.22 9.56 14.10
CA LEU A 434 11.53 9.66 13.49
C LEU A 434 12.01 11.12 13.54
N LEU A 435 11.12 12.03 13.11
CA LEU A 435 11.44 13.45 12.95
C LEU A 435 11.70 14.08 14.33
N GLN A 436 11.03 13.56 15.36
CA GLN A 436 11.23 14.03 16.72
C GLN A 436 12.68 13.82 17.16
N ARG A 437 13.30 12.73 16.72
CA ARG A 437 14.45 12.17 17.43
C ARG A 437 15.70 12.09 16.55
N LEU A 438 15.57 11.94 15.22
CA LEU A 438 16.70 11.55 14.40
C LEU A 438 16.89 12.40 13.15
N GLU A 439 18.14 12.50 12.71
CA GLU A 439 18.52 13.03 11.41
C GLU A 439 19.05 11.88 10.54
N PHE A 440 18.67 11.91 9.24
CA PHE A 440 18.98 10.88 8.27
C PHE A 440 19.78 11.47 7.12
N ARG A 441 20.78 10.72 6.66
CA ARG A 441 21.51 11.06 5.45
C ARG A 441 21.64 9.80 4.61
N LEU A 442 21.10 9.87 3.39
CA LEU A 442 21.18 8.78 2.45
C LEU A 442 22.66 8.47 2.20
N VAL A 443 23.06 7.22 2.36
CA VAL A 443 24.41 6.84 1.96
C VAL A 443 24.59 7.17 0.47
N PRO A 444 25.65 7.93 0.08
CA PRO A 444 25.89 8.25 -1.33
C PRO A 444 26.06 6.98 -2.16
N GLY A 445 25.48 6.98 -3.36
CA GLY A 445 25.35 5.76 -4.16
C GLY A 445 23.93 5.18 -4.15
N GLN A 446 23.13 5.50 -3.12
CA GLN A 446 21.75 5.00 -3.06
C GLN A 446 20.92 5.70 -4.14
N ARG A 447 20.17 4.93 -4.95
CA ARG A 447 19.46 5.48 -6.10
C ARG A 447 18.06 5.93 -5.71
N PHE A 448 17.46 6.82 -6.51
CA PHE A 448 16.11 7.30 -6.24
C PHE A 448 15.08 6.50 -7.04
N GLY A 449 15.55 5.51 -7.80
CA GLY A 449 14.68 4.82 -8.73
C GLY A 449 13.78 3.79 -8.05
N LEU A 450 12.96 3.13 -8.89
CA LEU A 450 11.85 2.32 -8.45
C LEU A 450 12.07 0.90 -8.97
N GLN A 451 11.46 -0.07 -8.28
CA GLN A 451 11.30 -1.38 -8.87
C GLN A 451 9.81 -1.66 -8.84
N GLU A 452 9.33 -2.48 -9.78
CA GLU A 452 7.91 -2.78 -9.87
C GLU A 452 7.71 -4.29 -9.79
N GLN A 453 7.11 -4.74 -8.69
CA GLN A 453 6.48 -6.04 -8.71
C GLN A 453 4.99 -5.80 -9.02
N ALA A 454 4.13 -6.33 -8.19
CA ALA A 454 2.75 -5.87 -8.24
C ALA A 454 2.67 -4.45 -7.70
N THR A 455 3.47 -4.12 -6.67
CA THR A 455 3.50 -2.76 -6.14
C THR A 455 4.82 -2.09 -6.51
N LEU A 456 4.87 -0.76 -6.36
CA LEU A 456 6.12 -0.04 -6.57
C LEU A 456 6.82 0.13 -5.23
N LYS A 457 8.14 0.03 -5.24
CA LYS A 457 8.93 0.18 -4.02
C LYS A 457 10.32 0.68 -4.41
N PRO A 458 11.09 1.28 -3.45
CA PRO A 458 12.45 1.72 -3.75
C PRO A 458 13.28 0.60 -4.38
N LEU A 459 14.05 0.94 -5.42
CA LEU A 459 14.99 0.00 -6.02
C LEU A 459 16.08 -0.40 -5.02
N ASP A 460 16.47 0.55 -4.15
CA ASP A 460 17.57 0.31 -3.23
C ASP A 460 17.00 0.17 -1.82
N PRO A 461 17.80 -0.34 -0.86
CA PRO A 461 17.36 -0.54 0.53
C PRO A 461 17.19 0.73 1.38
N VAL A 462 17.33 1.90 0.74
CA VAL A 462 17.31 3.21 1.39
C VAL A 462 18.32 3.21 2.55
N LEU A 463 19.58 2.81 2.26
CA LEU A 463 20.66 2.87 3.24
C LEU A 463 20.90 4.31 3.66
N CYS A 464 20.85 4.56 4.97
CA CYS A 464 21.13 5.87 5.55
C CYS A 464 22.09 5.75 6.73
N THR A 465 22.84 6.85 7.00
CA THR A 465 23.46 7.07 8.31
C THR A 465 22.58 8.05 9.11
N LEU A 466 22.70 8.02 10.44
CA LEU A 466 21.78 8.70 11.33
C LEU A 466 22.56 9.33 12.49
N ARG A 467 21.98 10.41 13.04
CA ARG A 467 22.49 11.17 14.18
C ARG A 467 21.28 11.58 15.01
N PRO A 468 21.41 11.76 16.35
CA PRO A 468 20.30 12.23 17.18
C PRO A 468 20.09 13.72 16.92
N ARG A 469 18.84 14.21 17.07
CA ARG A 469 18.60 15.64 16.89
C ARG A 469 19.27 16.46 18.02
CHA HEM B . -7.61 -1.59 -1.46
CHB HEM B . -3.73 1.39 -1.53
CHC HEM B . -2.79 0.25 3.15
CHD HEM B . -6.12 -3.27 2.84
C1A HEM B . -6.64 -0.69 -1.85
C2A HEM B . -6.58 -0.13 -3.15
C3A HEM B . -5.48 0.73 -3.21
C4A HEM B . -4.87 0.68 -1.91
CMA HEM B . -5.02 1.58 -4.40
CAA HEM B . -7.52 -0.48 -4.29
CBA HEM B . -6.87 -1.73 -4.95
CGA HEM B . -7.55 -2.23 -6.20
O1A HEM B . -7.23 -3.31 -6.74
O2A HEM B . -8.42 -1.52 -6.76
C1B HEM B . -3.16 1.31 -0.24
C2B HEM B . -2.04 2.12 0.18
C3B HEM B . -1.79 1.83 1.50
C4B HEM B . -2.76 0.81 1.85
CMB HEM B . -1.30 3.14 -0.68
CAB HEM B . -0.75 2.35 2.45
CBB HEM B . -0.04 3.45 2.19
C1C HEM B . -3.66 -0.76 3.50
C2C HEM B . -3.81 -1.29 4.81
C3C HEM B . -4.77 -2.31 4.71
C4C HEM B . -5.19 -2.36 3.33
CMC HEM B . -3.02 -0.83 6.04
CAC HEM B . -5.27 -3.24 5.77
CBC HEM B . -5.17 -3.05 7.07
C1D HEM B . -6.77 -3.08 1.63
C2D HEM B . -7.91 -3.93 1.24
C3D HEM B . -8.34 -3.45 0.04
C4D HEM B . -7.46 -2.32 -0.28
CMD HEM B . -8.48 -5.11 2.01
CAD HEM B . -9.53 -3.98 -0.79
CBD HEM B . -10.80 -3.36 -0.23
CGD HEM B . -12.02 -3.47 -1.13
O1D HEM B . -13.10 -3.25 -0.56
O2D HEM B . -12.00 -3.76 -2.38
NA HEM B . -5.59 -0.19 -1.08
NB HEM B . -3.53 0.55 0.78
NC HEM B . -4.50 -1.41 2.61
ND HEM B . -6.52 -2.12 0.69
FE HEM B . -5.11 -0.82 0.73
C4 YCJ C . -0.16 -5.31 -1.50
C5 YCJ C . -3.46 -4.95 -9.90
C6 YCJ C . -1.10 -5.08 -9.75
C7 YCJ C . 0.69 -6.26 -2.03
C8 YCJ C . -1.71 -3.13 -0.56
C10 YCJ C . -0.75 -6.55 -3.90
C13 YCJ C . -1.31 -4.95 -2.18
C15 YCJ C . -1.57 -5.57 -3.38
C17 YCJ C . 0.39 -6.89 -3.23
C20 YCJ C . -1.22 -3.30 -6.67
C21 YCJ C . -3.94 -3.70 -5.60
C22 YCJ C . -1.55 -3.34 -5.20
C24 YCJ C . 1.29 -7.93 -3.80
C1 YCJ C . -2.32 -6.94 -10.58
C2 YCJ C . -3.49 -6.23 -10.41
C3 YCJ C . -1.12 -6.36 -10.25
C9 YCJ C . -3.54 -4.05 -1.73
C11 YCJ C . -2.58 -2.30 0.09
C12 YCJ C . -4.34 -3.18 -1.02
C14 YCJ C . -2.19 -4.02 -1.50
C16 YCJ C . -2.26 -4.36 -9.55
C18 YCJ C . -2.77 -5.29 -4.19
C19 YCJ C . -3.72 -3.60 -7.09
C23 YCJ C . -2.44 -2.88 -7.49
C25 YCJ C . -2.21 -2.96 -8.99
N26 YCJ C . -3.90 -2.31 -0.11
N27 YCJ C . -2.73 -4.14 -4.95
O28 YCJ C . -3.71 -6.07 -4.14
O29 YCJ C . -2.63 -1.51 -7.16
#